data_4DEL
#
_entry.id   4DEL
#
_cell.length_a   61.797
_cell.length_b   119.605
_cell.length_c   164.101
_cell.angle_alpha   90.000
_cell.angle_beta   90.000
_cell.angle_gamma   90.000
#
_symmetry.space_group_name_H-M   'I 2 2 2'
#
loop_
_entity.id
_entity.type
_entity.pdbx_description
1 polymer 'Fructose-bisphosphate aldolase'
2 non-polymer 'SODIUM ION'
3 non-polymer 'ZINC ION'
4 non-polymer 'PHOSPHOGLYCOLOHYDROXAMIC ACID'
5 non-polymer 'ACETATE ION'
6 non-polymer 'HEXAETHYLENE GLYCOL'
7 water water
#
_entity_poly.entity_id   1
_entity_poly.type   'polypeptide(L)'
_entity_poly.pdbx_seq_one_letter_code
;MPIATPEVYAEMLGQAKQNSYAFPAINCTSSETVNAAIKGFADAGSDGIIQFSTGGAEFGSGLGVKDMVTGAVALAEFTH
VIAAKYPVNVALHTDHCPKDKLDSYVRPLLAISAQRVSKGGNPLFQSHMWDGSAVPIDENLAIAQELLKAAAAAKIILEI
EIGVVGGEEDGVANEINEKLYTSPEDFEKTIEALGAGEHGKYLLAATFGNVHGVYKPGNVKLRPDILAQGQQVAAAKLGL
PADAKPFDFVFHGGSGSLKSEIEEALRYGVVKMNVDTDTQYAFTRPIAGHMFTNYDGVLKVDGEVGVKKVYDPRSYLKKA
EASMSQRVVQACNDLHCAGKSLTHHHHHH
;
_entity_poly.pdbx_strand_id   A
#
# COMPACT_ATOMS: atom_id res chain seq x y z
N PRO A 2 1.95 9.64 15.00
CA PRO A 2 3.39 9.62 14.70
C PRO A 2 3.71 8.68 13.55
N ILE A 3 4.90 8.82 12.97
CA ILE A 3 5.40 7.79 12.06
C ILE A 3 5.62 6.53 12.89
N ALA A 4 5.25 5.38 12.33
CA ALA A 4 5.52 4.07 12.97
C ALA A 4 7.01 3.83 13.07
N THR A 5 7.50 3.60 14.29
CA THR A 5 8.86 3.08 14.42
C THR A 5 8.84 1.61 13.92
N PRO A 6 10.01 1.05 13.60
CA PRO A 6 10.00 -0.36 13.17
C PRO A 6 9.35 -1.27 14.21
N GLU A 7 9.58 -0.98 15.48
CA GLU A 7 9.01 -1.78 16.56
C GLU A 7 7.48 -1.67 16.63
N VAL A 8 6.95 -0.37 16.15
N VAL A 8 6.97 -0.45 16.46
CA VAL A 8 5.48 -0.32 16.11
CA VAL A 8 5.51 -0.23 16.42
C VAL A 8 4.91 -0.89 14.80
C VAL A 8 4.89 -0.87 15.16
N TYR A 9 5.57 -0.78 14.01
CA TYR A 9 5.08 -1.39 12.78
C TYR A 9 4.96 -2.91 12.91
N ALA A 10 5.97 -3.53 13.52
CA ALA A 10 5.93 -4.98 13.76
C ALA A 10 4.78 -5.33 14.72
N GLU A 11 4.60 -4.52 15.76
CA GLU A 11 3.47 -4.70 16.68
C GLU A 11 2.13 -4.54 15.94
N MET A 12 2.00 -3.52 15.08
CA MET A 12 0.79 -3.34 14.28
C MET A 12 0.42 -4.60 13.52
N LEU A 13 1.38 -5.14 12.77
CA LEU A 13 1.15 -6.30 11.90
C LEU A 13 0.84 -7.54 12.72
N GLY A 14 1.49 -7.66 13.88
CA GLY A 14 1.23 -8.78 14.79
C GLY A 14 -0.18 -8.78 15.36
N GLN A 15 -0.65 -7.59 15.72
CA GLN A 15 -2.00 -7.38 16.22
C GLN A 15 -3.04 -7.67 15.14
N ALA A 16 -2.81 -7.15 13.94
CA ALA A 16 -3.69 -7.41 12.81
C ALA A 16 -3.78 -8.92 12.52
N LYS A 17 -2.64 -9.59 12.49
CA LYS A 17 -2.59 -11.01 12.21
C LYS A 17 -3.37 -11.83 13.25
N GLN A 18 -3.10 -11.53 14.52
CA GLN A 18 -3.70 -12.22 15.66
C GLN A 18 -5.21 -12.09 15.69
N ASN A 19 -5.71 -10.95 15.22
CA ASN A 19 -7.11 -10.59 15.34
C ASN A 19 -7.87 -10.58 14.00
N SER A 20 -7.21 -11.11 12.97
CA SER A 20 -7.81 -11.27 11.63
C SER A 20 -8.32 -9.95 11.04
N TYR A 21 -7.54 -8.89 11.22
CA TYR A 21 -7.82 -7.62 10.52
C TYR A 21 -6.60 -7.19 9.69
N ALA A 22 -6.75 -6.12 8.91
CA ALA A 22 -5.66 -5.67 8.02
C ALA A 22 -5.63 -4.16 8.01
N PHE A 23 -4.52 -3.58 7.53
CA PHE A 23 -4.41 -2.12 7.35
C PHE A 23 -4.53 -1.74 5.89
N PRO A 24 -5.13 -0.58 5.60
N PRO A 24 -5.16 -0.59 5.59
CA PRO A 24 -5.11 -0.11 4.22
CA PRO A 24 -5.13 -0.11 4.21
C PRO A 24 -3.72 0.42 3.92
C PRO A 24 -3.77 0.50 3.88
N ALA A 25 -3.24 0.20 2.70
CA ALA A 25 -2.02 0.82 2.22
C ALA A 25 -2.45 1.71 1.06
N ILE A 26 -2.46 3.02 1.30
CA ILE A 26 -3.04 3.98 0.36
C ILE A 26 -1.94 4.59 -0.50
N ASN A 27 -2.05 4.43 -1.83
CA ASN A 27 -1.09 5.08 -2.71
C ASN A 27 -1.30 6.59 -2.68
N CYS A 28 -0.22 7.32 -2.47
CA CYS A 28 -0.27 8.79 -2.49
C CYS A 28 0.77 9.35 -3.46
N THR A 29 0.57 10.60 -3.86
CA THR A 29 1.38 11.21 -4.91
C THR A 29 1.76 12.66 -4.60
N SER A 30 1.35 13.16 -3.44
CA SER A 30 1.39 14.59 -3.15
C SER A 30 1.17 14.93 -1.69
N SER A 31 1.40 16.20 -1.34
CA SER A 31 1.05 16.67 -0.01
C SER A 31 -0.44 16.48 0.25
N GLU A 32 -1.29 16.79 -0.73
CA GLU A 32 -2.75 16.73 -0.51
C GLU A 32 -3.22 15.28 -0.29
N THR A 33 -2.66 14.35 -1.05
CA THR A 33 -3.08 12.94 -0.95
C THR A 33 -2.54 12.29 0.33
N VAL A 34 -1.29 12.60 0.68
CA VAL A 34 -0.78 12.20 2.03
C VAL A 34 -1.68 12.74 3.14
N ASN A 35 -2.00 14.03 3.12
CA ASN A 35 -2.86 14.62 4.12
C ASN A 35 -4.23 13.93 4.19
N ALA A 36 -4.79 13.62 3.03
CA ALA A 36 -6.10 12.96 2.96
C ALA A 36 -6.04 11.57 3.57
N ALA A 37 -4.98 10.83 3.24
CA ALA A 37 -4.81 9.47 3.78
C ALA A 37 -4.69 9.47 5.30
N ILE A 38 -3.78 10.31 5.83
CA ILE A 38 -3.60 10.33 7.29
C ILE A 38 -4.86 10.78 8.03
N LYS A 39 -5.55 11.79 7.51
CA LYS A 39 -6.80 12.23 8.11
C LYS A 39 -7.85 11.09 8.10
N GLY A 40 -7.85 10.30 7.04
CA GLY A 40 -8.76 9.12 6.96
C GLY A 40 -8.44 8.14 8.07
N PHE A 41 -7.15 7.82 8.22
CA PHE A 41 -6.74 6.92 9.32
C PHE A 41 -7.21 7.48 10.66
N ALA A 42 -6.94 8.77 10.88
CA ALA A 42 -7.28 9.40 12.16
C ALA A 42 -8.77 9.40 12.42
N ASP A 43 -9.55 9.75 11.39
CA ASP A 43 -11.01 9.77 11.54
C ASP A 43 -11.56 8.40 11.87
N ALA A 44 -10.90 7.36 11.36
CA ALA A 44 -11.28 5.97 11.63
C ALA A 44 -10.68 5.42 12.93
N GLY A 45 -9.91 6.23 13.66
CA GLY A 45 -9.20 5.76 14.87
C GLY A 45 -8.30 4.57 14.57
N SER A 46 -7.60 4.65 13.44
CA SER A 46 -6.86 3.50 12.90
C SER A 46 -5.43 3.86 12.58
N ASP A 47 -4.53 2.88 12.72
CA ASP A 47 -3.21 2.98 12.12
C ASP A 47 -3.32 2.74 10.61
N GLY A 48 -2.26 3.02 9.85
CA GLY A 48 -2.34 2.82 8.41
C GLY A 48 -1.00 2.96 7.73
N ILE A 49 -0.99 2.69 6.43
CA ILE A 49 0.22 2.70 5.65
C ILE A 49 0.06 3.65 4.46
N ILE A 50 1.05 4.51 4.24
N ILE A 50 1.06 4.50 4.27
CA ILE A 50 1.08 5.36 3.05
CA ILE A 50 1.21 5.38 3.10
C ILE A 50 2.19 4.87 2.14
C ILE A 50 2.18 4.70 2.15
N GLN A 51 1.85 4.63 0.86
CA GLN A 51 2.80 4.06 -0.09
C GLN A 51 2.97 4.89 -1.36
N PHE A 52 4.19 4.88 -1.87
CA PHE A 52 4.52 5.57 -3.13
C PHE A 52 4.95 4.58 -4.19
N SER A 53 4.25 4.58 -5.31
CA SER A 53 4.64 3.75 -6.46
C SER A 53 5.83 4.41 -7.16
N THR A 54 6.45 3.69 -8.09
CA THR A 54 7.52 4.28 -8.89
C THR A 54 7.03 5.55 -9.62
N GLY A 55 5.87 5.46 -10.24
CA GLY A 55 5.27 6.59 -10.96
C GLY A 55 4.83 7.71 -10.02
N GLY A 56 4.32 7.35 -8.85
CA GLY A 56 3.94 8.32 -7.84
C GLY A 56 5.13 9.11 -7.34
N ALA A 57 6.23 8.41 -7.08
CA ALA A 57 7.49 9.07 -6.69
C ALA A 57 8.04 9.97 -7.80
N GLU A 58 8.03 9.49 -9.05
CA GLU A 58 8.46 10.33 -10.17
C GLU A 58 7.63 11.62 -10.25
N PHE A 59 6.31 11.46 -10.12
CA PHE A 59 5.39 12.60 -10.12
C PHE A 59 5.70 13.57 -8.96
N GLY A 60 5.94 13.01 -7.78
CA GLY A 60 6.25 13.81 -6.58
C GLY A 60 7.51 14.65 -6.71
N SER A 61 8.43 14.22 -7.58
CA SER A 61 9.70 14.93 -7.79
C SER A 61 9.55 16.12 -8.73
N GLY A 62 8.44 16.16 -9.46
CA GLY A 62 8.15 17.29 -10.35
C GLY A 62 8.67 17.02 -11.76
N LEU A 63 8.08 17.72 -12.73
CA LEU A 63 8.38 17.52 -14.14
C LEU A 63 9.82 17.92 -14.52
N GLY A 64 10.43 18.79 -13.71
CA GLY A 64 11.80 19.22 -13.94
C GLY A 64 12.86 18.28 -13.38
N VAL A 65 12.45 17.27 -12.63
CA VAL A 65 13.38 16.35 -11.97
C VAL A 65 13.14 14.92 -12.46
N LYS A 66 11.91 14.43 -12.33
CA LYS A 66 11.52 13.07 -12.71
C LYS A 66 12.50 12.01 -12.18
N ASP A 67 12.74 12.06 -10.87
CA ASP A 67 13.64 11.13 -10.21
C ASP A 67 12.90 10.47 -9.07
N MET A 68 12.79 9.15 -9.13
CA MET A 68 12.03 8.39 -8.13
C MET A 68 12.55 8.56 -6.71
N VAL A 69 13.86 8.48 -6.51
CA VAL A 69 14.43 8.67 -5.18
C VAL A 69 14.12 10.05 -4.62
N THR A 70 14.34 11.09 -5.42
CA THR A 70 14.02 12.45 -4.98
C THR A 70 12.55 12.60 -4.53
N GLY A 71 11.62 12.09 -5.34
CA GLY A 71 10.20 12.23 -5.04
C GLY A 71 9.79 11.49 -3.80
N ALA A 72 10.29 10.26 -3.66
CA ALA A 72 9.99 9.44 -2.49
C ALA A 72 10.57 10.07 -1.21
N VAL A 73 11.81 10.57 -1.29
CA VAL A 73 12.41 11.21 -0.12
C VAL A 73 11.67 12.50 0.24
N ALA A 74 11.39 13.32 -0.76
CA ALA A 74 10.68 14.58 -0.51
C ALA A 74 9.30 14.34 0.13
N LEU A 75 8.53 13.42 -0.44
CA LEU A 75 7.22 13.08 0.11
C LEU A 75 7.34 12.43 1.49
N ALA A 76 8.37 11.60 1.67
CA ALA A 76 8.59 10.98 2.99
C ALA A 76 8.89 12.03 4.05
N GLU A 77 9.74 12.99 3.72
CA GLU A 77 10.09 14.03 4.69
C GLU A 77 8.87 14.89 5.05
N PHE A 78 8.08 15.24 4.03
CA PHE A 78 6.80 15.90 4.25
C PHE A 78 5.93 15.08 5.23
N THR A 79 5.82 13.78 4.96
CA THR A 79 4.97 12.89 5.77
C THR A 79 5.44 12.79 7.23
N HIS A 80 6.75 12.76 7.45
CA HIS A 80 7.28 12.72 8.83
C HIS A 80 6.83 13.92 9.65
N VAL A 81 6.84 15.11 9.05
CA VAL A 81 6.37 16.30 9.74
C VAL A 81 4.88 16.21 10.05
N ILE A 82 4.06 15.86 9.06
CA ILE A 82 2.60 15.78 9.25
C ILE A 82 2.21 14.72 10.29
N ALA A 83 2.76 13.52 10.15
CA ALA A 83 2.33 12.36 10.94
C ALA A 83 2.60 12.57 12.44
N ALA A 84 3.62 13.37 12.76
CA ALA A 84 3.90 13.71 14.17
C ALA A 84 2.74 14.41 14.87
N LYS A 85 1.82 15.02 14.10
CA LYS A 85 0.70 15.78 14.66
C LYS A 85 -0.60 14.98 14.73
N TYR A 86 -0.53 13.68 14.43
CA TYR A 86 -1.72 12.81 14.52
C TYR A 86 -1.52 11.71 15.55
N PRO A 87 -2.58 11.33 16.29
N PRO A 87 -2.59 11.39 16.31
CA PRO A 87 -2.35 10.35 17.35
CA PRO A 87 -2.61 10.32 17.33
C PRO A 87 -2.07 8.94 16.83
C PRO A 87 -2.97 8.93 16.76
N VAL A 88 -2.42 8.64 15.58
CA VAL A 88 -2.36 7.28 15.03
C VAL A 88 -0.96 7.00 14.44
N ASN A 89 -0.63 5.72 14.23
CA ASN A 89 0.66 5.36 13.65
C ASN A 89 0.59 5.22 12.14
N VAL A 90 1.54 5.87 11.47
CA VAL A 90 1.58 5.90 10.02
C VAL A 90 2.90 5.29 9.54
N ALA A 91 2.81 4.20 8.79
CA ALA A 91 3.98 3.56 8.21
C ALA A 91 4.15 3.99 6.75
N LEU A 92 5.40 4.24 6.36
CA LEU A 92 5.77 4.59 4.97
C LEU A 92 6.32 3.40 4.20
N HIS A 93 5.84 3.22 2.97
CA HIS A 93 6.13 2.06 2.15
C HIS A 93 6.34 2.50 0.70
N THR A 94 7.12 1.73 -0.05
CA THR A 94 7.21 1.88 -1.51
C THR A 94 6.59 0.68 -2.23
N ASP A 95 5.80 0.96 -3.27
CA ASP A 95 5.04 -0.04 -4.01
C ASP A 95 5.89 -0.62 -5.17
N HIS A 96 5.28 -1.53 -5.95
CA HIS A 96 5.92 -2.32 -7.03
C HIS A 96 7.24 -1.77 -7.59
N CYS A 97 8.34 -2.45 -7.28
CA CYS A 97 9.62 -2.11 -7.88
C CYS A 97 10.18 -3.33 -8.61
N PRO A 98 10.13 -3.31 -9.95
CA PRO A 98 10.65 -4.45 -10.70
C PRO A 98 12.17 -4.43 -10.79
N LYS A 99 12.72 -5.48 -11.40
CA LYS A 99 14.16 -5.69 -11.45
C LYS A 99 14.95 -4.51 -12.01
N ASP A 100 14.48 -3.96 -13.14
CA ASP A 100 15.20 -2.88 -13.80
C ASP A 100 15.13 -1.51 -13.09
N LYS A 101 14.37 -1.41 -11.99
CA LYS A 101 14.27 -0.17 -11.21
C LYS A 101 14.84 -0.30 -9.80
N LEU A 102 15.29 -1.50 -9.43
CA LEU A 102 15.91 -1.67 -8.12
C LEU A 102 17.07 -0.71 -7.87
N ASP A 103 17.95 -0.54 -8.86
CA ASP A 103 19.13 0.31 -8.68
C ASP A 103 18.80 1.80 -8.59
N SER A 104 17.61 2.18 -9.05
CA SER A 104 17.20 3.59 -9.02
C SER A 104 16.00 3.88 -8.10
N TYR A 105 15.63 2.91 -7.28
CA TYR A 105 14.52 3.13 -6.34
C TYR A 105 14.79 2.45 -4.99
N VAL A 106 14.52 1.16 -4.90
CA VAL A 106 14.60 0.46 -3.61
C VAL A 106 16.02 0.44 -3.03
N ARG A 107 17.02 0.12 -3.85
CA ARG A 107 18.40 0.05 -3.33
C ARG A 107 18.92 1.38 -2.77
N PRO A 108 18.83 2.48 -3.55
CA PRO A 108 19.28 3.73 -2.94
C PRO A 108 18.46 4.16 -1.73
N LEU A 109 17.16 3.85 -1.71
CA LEU A 109 16.35 4.17 -0.53
C LEU A 109 16.80 3.35 0.67
N LEU A 110 17.12 2.08 0.43
CA LEU A 110 17.65 1.21 1.48
C LEU A 110 18.95 1.78 2.04
N ALA A 111 19.81 2.25 1.15
CA ALA A 111 21.10 2.81 1.55
C ALA A 111 20.93 4.06 2.43
N ILE A 112 19.96 4.91 2.09
CA ILE A 112 19.64 6.08 2.91
C ILE A 112 19.23 5.67 4.31
N SER A 113 18.37 4.65 4.42
CA SER A 113 17.92 4.20 5.75
C SER A 113 19.03 3.53 6.54
N ALA A 114 19.88 2.77 5.86
CA ALA A 114 21.06 2.13 6.50
C ALA A 114 21.96 3.19 7.15
N GLN A 115 22.16 4.30 6.46
CA GLN A 115 22.95 5.41 6.98
C GLN A 115 22.33 6.00 8.24
N ARG A 116 21.02 6.21 8.23
CA ARG A 116 20.31 6.74 9.39
C ARG A 116 20.43 5.80 10.58
N VAL A 117 20.30 4.50 10.32
CA VAL A 117 20.36 3.48 11.37
C VAL A 117 21.79 3.40 11.96
N SER A 118 22.79 3.55 11.08
CA SER A 118 24.21 3.54 11.50
C SER A 118 24.53 4.67 12.47
N LYS A 119 23.76 5.76 12.40
CA LYS A 119 23.92 6.91 13.30
C LYS A 119 23.03 6.82 14.55
N GLY A 120 22.33 5.70 14.69
CA GLY A 120 21.44 5.47 15.84
C GLY A 120 20.00 5.92 15.63
N GLY A 121 19.63 6.19 14.38
CA GLY A 121 18.28 6.62 14.06
C GLY A 121 17.40 5.49 13.54
N ASN A 122 16.21 5.84 13.08
CA ASN A 122 15.31 4.89 12.45
C ASN A 122 15.23 5.11 10.94
N PRO A 123 14.80 4.08 10.19
CA PRO A 123 14.76 4.19 8.72
C PRO A 123 13.73 5.22 8.28
N LEU A 124 13.95 5.76 7.08
CA LEU A 124 13.07 6.76 6.48
C LEU A 124 11.73 6.13 6.10
N PHE A 125 11.81 4.97 5.45
CA PHE A 125 10.66 4.11 5.14
C PHE A 125 10.66 2.91 6.07
N GLN A 126 9.48 2.36 6.35
CA GLN A 126 9.38 1.20 7.25
C GLN A 126 9.21 -0.12 6.48
N SER A 127 8.82 -0.03 5.22
CA SER A 127 8.85 -1.19 4.34
C SER A 127 9.08 -0.79 2.88
N HIS A 128 9.61 -1.72 2.10
CA HIS A 128 9.81 -1.56 0.65
C HIS A 128 9.33 -2.79 -0.09
N MET A 129 8.72 -2.60 -1.26
CA MET A 129 8.30 -3.72 -2.08
C MET A 129 9.29 -4.08 -3.19
N TRP A 130 9.72 -5.34 -3.19
CA TRP A 130 10.40 -5.95 -4.32
C TRP A 130 9.36 -6.72 -5.12
N ASP A 131 9.08 -6.28 -6.34
CA ASP A 131 8.15 -7.04 -7.19
C ASP A 131 8.93 -7.78 -8.29
N GLY A 132 9.25 -9.05 -8.04
CA GLY A 132 9.93 -9.88 -9.04
C GLY A 132 9.02 -10.84 -9.80
N SER A 133 7.72 -10.55 -9.81
CA SER A 133 6.75 -11.44 -10.44
C SER A 133 6.98 -11.64 -11.95
N ALA A 134 7.73 -10.72 -12.58
CA ALA A 134 7.98 -10.82 -14.03
C ALA A 134 9.21 -11.66 -14.37
N VAL A 135 9.94 -12.12 -13.35
CA VAL A 135 11.08 -13.01 -13.56
C VAL A 135 10.78 -14.38 -12.94
N PRO A 136 11.51 -15.43 -13.37
CA PRO A 136 11.24 -16.77 -12.81
C PRO A 136 11.38 -16.80 -11.29
N ILE A 137 10.57 -17.63 -10.64
CA ILE A 137 10.51 -17.70 -9.17
C ILE A 137 11.87 -17.80 -8.47
N ASP A 138 12.80 -18.60 -9.02
CA ASP A 138 14.12 -18.75 -8.38
C ASP A 138 14.95 -17.48 -8.38
N GLU A 139 14.89 -16.72 -9.48
CA GLU A 139 15.59 -15.45 -9.57
C GLU A 139 14.93 -14.42 -8.64
N ASN A 140 13.61 -14.41 -8.64
CA ASN A 140 12.81 -13.56 -7.77
C ASN A 140 13.26 -13.72 -6.32
N LEU A 141 13.33 -14.97 -5.87
CA LEU A 141 13.70 -15.26 -4.49
C LEU A 141 15.18 -15.09 -4.15
N ALA A 142 16.05 -15.23 -5.15
CA ALA A 142 17.48 -14.95 -4.97
C ALA A 142 17.70 -13.48 -4.68
N ILE A 143 17.03 -12.63 -5.47
CA ILE A 143 17.10 -11.19 -5.25
C ILE A 143 16.43 -10.88 -3.91
N ALA A 144 15.30 -11.53 -3.65
CA ALA A 144 14.57 -11.31 -2.39
C ALA A 144 15.43 -11.59 -1.16
N GLN A 145 16.20 -12.69 -1.21
CA GLN A 145 17.03 -13.05 -0.06
C GLN A 145 18.07 -11.98 0.30
N GLU A 146 18.77 -11.44 -0.71
CA GLU A 146 19.79 -10.41 -0.41
C GLU A 146 19.14 -9.08 -0.03
N LEU A 147 18.04 -8.74 -0.68
CA LEU A 147 17.28 -7.55 -0.28
C LEU A 147 16.74 -7.67 1.15
N LEU A 148 16.31 -8.87 1.53
CA LEU A 148 15.81 -9.09 2.89
C LEU A 148 16.90 -8.88 3.95
N LYS A 149 18.12 -9.35 3.67
CA LYS A 149 19.25 -9.11 4.56
C LYS A 149 19.51 -7.61 4.76
N ALA A 150 19.54 -6.87 3.65
CA ALA A 150 19.75 -5.41 3.67
C ALA A 150 18.63 -4.69 4.40
N ALA A 151 17.39 -5.09 4.10
CA ALA A 151 16.22 -4.50 4.73
C ALA A 151 16.22 -4.74 6.24
N ALA A 152 16.38 -6.01 6.65
CA ALA A 152 16.40 -6.32 8.08
C ALA A 152 17.51 -5.54 8.82
N ALA A 153 18.66 -5.38 8.19
CA ALA A 153 19.79 -4.62 8.76
C ALA A 153 19.47 -3.14 8.94
N ALA A 154 18.52 -2.62 8.14
CA ALA A 154 18.07 -1.24 8.22
C ALA A 154 16.75 -1.10 9.00
N LYS A 155 16.33 -2.17 9.68
CA LYS A 155 15.07 -2.21 10.44
C LYS A 155 13.84 -1.99 9.54
N ILE A 156 13.91 -2.53 8.32
CA ILE A 156 12.85 -2.40 7.32
C ILE A 156 12.27 -3.77 6.93
N ILE A 157 10.95 -3.83 6.82
CA ILE A 157 10.25 -5.04 6.35
C ILE A 157 10.23 -5.09 4.82
N LEU A 158 10.52 -6.24 4.23
CA LEU A 158 10.45 -6.38 2.77
C LEU A 158 9.11 -6.99 2.36
N GLU A 159 8.42 -6.38 1.40
CA GLU A 159 7.30 -7.03 0.74
C GLU A 159 7.80 -7.62 -0.58
N ILE A 160 7.42 -8.86 -0.85
CA ILE A 160 7.75 -9.53 -2.12
C ILE A 160 6.46 -9.98 -2.81
N GLU A 161 6.54 -10.31 -4.09
CA GLU A 161 5.36 -10.78 -4.81
C GLU A 161 5.65 -12.08 -5.54
N ILE A 162 4.72 -13.02 -5.37
CA ILE A 162 4.66 -14.24 -6.19
C ILE A 162 3.32 -14.28 -6.93
N GLY A 163 3.36 -14.64 -8.21
CA GLY A 163 2.21 -14.48 -9.09
C GLY A 163 2.10 -13.05 -9.59
N VAL A 164 1.29 -12.86 -10.62
CA VAL A 164 1.21 -11.57 -11.32
C VAL A 164 -0.11 -10.88 -10.96
N VAL A 165 -0.07 -9.57 -10.77
CA VAL A 165 -1.31 -8.79 -10.62
C VAL A 165 -1.72 -8.34 -12.02
N GLY A 166 -2.97 -8.59 -12.39
CA GLY A 166 -3.48 -8.18 -13.69
C GLY A 166 -3.68 -6.67 -13.80
N GLY A 167 -3.82 -6.18 -15.03
CA GLY A 167 -4.19 -4.77 -15.24
C GLY A 167 -3.04 -3.81 -15.48
N GLU A 168 -3.38 -2.54 -15.49
CA GLU A 168 -2.47 -1.50 -15.90
C GLU A 168 -1.87 -0.72 -14.79
N GLU A 169 -0.57 -0.76 -14.66
CA GLU A 169 0.08 -0.03 -13.58
C GLU A 169 1.21 0.74 -14.13
N ASP A 170 0.92 2.01 -14.25
CA ASP A 170 1.49 3.00 -15.12
C ASP A 170 1.30 2.75 -16.62
N GLY A 171 2.36 2.70 -17.42
CA GLY A 171 2.19 2.54 -18.85
C GLY A 171 2.02 1.10 -19.28
N VAL A 172 2.27 0.21 -18.34
CA VAL A 172 2.42 -1.22 -18.57
C VAL A 172 1.19 -2.06 -18.19
N ALA A 173 0.70 -2.90 -19.11
CA ALA A 173 -0.39 -3.81 -18.78
C ALA A 173 -0.01 -5.28 -18.60
N ASN A 174 -0.53 -5.91 -17.55
CA ASN A 174 -0.41 -7.35 -17.41
C ASN A 174 -1.70 -8.01 -17.82
N GLU A 175 -1.59 -9.01 -18.66
CA GLU A 175 -2.77 -9.76 -19.12
C GLU A 175 -3.46 -10.46 -17.96
N ILE A 176 -4.80 -10.39 -17.96
CA ILE A 176 -5.62 -11.08 -16.98
C ILE A 176 -5.78 -12.53 -17.41
N ASN A 177 -5.01 -13.42 -16.77
CA ASN A 177 -5.02 -14.84 -17.10
C ASN A 177 -4.75 -15.75 -15.89
N GLU A 178 -4.28 -16.97 -16.17
CA GLU A 178 -4.03 -17.98 -15.13
C GLU A 178 -2.81 -17.67 -14.26
N LYS A 179 -1.89 -16.84 -14.77
CA LYS A 179 -0.70 -16.43 -14.01
C LYS A 179 -1.04 -15.55 -12.81
N LEU A 180 -2.28 -15.08 -12.76
CA LEU A 180 -2.79 -14.29 -11.64
C LEU A 180 -3.03 -15.14 -10.40
N TYR A 181 -2.93 -16.46 -10.55
CA TYR A 181 -3.17 -17.38 -9.45
C TYR A 181 -1.86 -18.07 -9.07
N THR A 182 -1.43 -17.86 -7.82
CA THR A 182 -0.14 -18.35 -7.33
C THR A 182 -0.14 -19.87 -7.19
N SER A 183 1.00 -20.49 -7.52
CA SER A 183 1.16 -21.94 -7.43
C SER A 183 1.64 -22.39 -6.05
N PRO A 184 1.24 -23.61 -5.62
CA PRO A 184 1.74 -24.21 -4.38
C PRO A 184 3.27 -24.24 -4.29
N GLU A 185 3.97 -24.56 -5.40
CA GLU A 185 5.43 -24.62 -5.40
CA GLU A 185 5.44 -24.63 -5.39
C GLU A 185 6.04 -23.27 -5.09
N ASP A 186 5.41 -22.20 -5.57
CA ASP A 186 5.89 -20.86 -5.29
C ASP A 186 5.78 -20.54 -3.80
N PHE A 187 4.68 -20.97 -3.17
CA PHE A 187 4.52 -20.90 -1.72
C PHE A 187 5.64 -21.66 -1.00
N GLU A 188 5.96 -22.85 -1.49
N GLU A 188 5.95 -22.86 -1.49
CA GLU A 188 6.96 -23.71 -0.88
CA GLU A 188 6.97 -23.73 -0.89
C GLU A 188 8.37 -23.14 -1.01
C GLU A 188 8.37 -23.14 -1.01
N LYS A 189 8.72 -22.70 -2.22
CA LYS A 189 10.03 -22.08 -2.48
C LYS A 189 10.24 -20.83 -1.64
N THR A 190 9.19 -20.04 -1.45
CA THR A 190 9.26 -18.86 -0.59
C THR A 190 9.72 -19.19 0.84
N ILE A 191 9.06 -20.16 1.49
CA ILE A 191 9.47 -20.63 2.81
C ILE A 191 10.89 -21.21 2.84
N GLU A 192 11.25 -21.99 1.82
CA GLU A 192 12.62 -22.55 1.75
C GLU A 192 13.66 -21.44 1.70
N ALA A 193 13.40 -20.42 0.90
CA ALA A 193 14.37 -19.36 0.66
C ALA A 193 14.58 -18.36 1.82
N LEU A 194 13.51 -18.07 2.56
CA LEU A 194 13.44 -16.88 3.40
C LEU A 194 13.02 -17.25 4.80
N GLY A 195 12.56 -18.48 4.97
CA GLY A 195 12.04 -18.92 6.25
C GLY A 195 10.69 -18.31 6.54
N ALA A 196 10.43 -18.08 7.83
CA ALA A 196 9.10 -17.66 8.27
C ALA A 196 9.21 -16.47 9.23
N GLY A 197 10.24 -15.65 9.01
CA GLY A 197 10.46 -14.44 9.81
C GLY A 197 11.82 -14.40 10.48
N GLU A 198 12.42 -15.57 10.69
CA GLU A 198 13.64 -15.66 11.49
C GLU A 198 14.91 -15.21 10.76
N HIS A 199 14.79 -14.96 9.45
CA HIS A 199 15.91 -14.41 8.68
C HIS A 199 15.62 -13.00 8.19
N GLY A 200 14.70 -12.32 8.86
CA GLY A 200 14.18 -11.04 8.37
C GLY A 200 12.68 -11.12 8.15
N LYS A 201 12.00 -10.09 8.62
CA LYS A 201 10.56 -10.00 8.53
C LYS A 201 10.12 -9.60 7.12
N TYR A 202 9.13 -10.32 6.60
CA TYR A 202 8.65 -10.02 5.25
C TYR A 202 7.14 -10.19 5.10
N LEU A 203 6.60 -9.51 4.10
CA LEU A 203 5.20 -9.62 3.71
C LEU A 203 5.12 -10.27 2.36
N LEU A 204 4.09 -11.07 2.14
CA LEU A 204 3.96 -11.81 0.88
C LEU A 204 2.71 -11.39 0.10
N ALA A 205 2.95 -10.73 -1.03
CA ALA A 205 1.89 -10.44 -1.99
C ALA A 205 1.75 -11.67 -2.88
N ALA A 206 0.99 -12.65 -2.41
CA ALA A 206 0.65 -13.82 -3.21
C ALA A 206 -0.65 -13.54 -3.94
N THR A 207 -0.62 -13.62 -5.27
CA THR A 207 -1.79 -13.22 -6.05
CA THR A 207 -1.77 -13.22 -6.08
C THR A 207 -2.81 -14.35 -6.16
N PHE A 208 -4.08 -13.96 -6.09
CA PHE A 208 -5.21 -14.89 -6.15
C PHE A 208 -6.33 -14.39 -7.09
N GLY A 209 -5.92 -13.87 -8.24
CA GLY A 209 -6.87 -13.33 -9.22
C GLY A 209 -6.90 -11.81 -9.21
N ASN A 210 -6.04 -11.19 -8.39
CA ASN A 210 -6.03 -9.73 -8.23
C ASN A 210 -5.78 -8.96 -9.51
N VAL A 211 -6.51 -7.87 -9.67
CA VAL A 211 -6.37 -6.97 -10.82
CA VAL A 211 -6.30 -6.96 -10.80
C VAL A 211 -6.31 -5.51 -10.33
N HIS A 212 -5.29 -4.78 -10.76
CA HIS A 212 -5.18 -3.35 -10.45
C HIS A 212 -6.27 -2.62 -11.24
N GLY A 213 -6.95 -1.70 -10.57
CA GLY A 213 -7.99 -0.88 -11.22
C GLY A 213 -9.40 -1.23 -10.75
N VAL A 214 -10.39 -0.61 -11.39
CA VAL A 214 -11.80 -0.78 -11.01
C VAL A 214 -12.60 -1.08 -12.27
N TYR A 215 -13.11 -2.31 -12.30
CA TYR A 215 -13.94 -2.82 -13.38
C TYR A 215 -15.35 -2.96 -12.83
N LYS A 216 -16.32 -3.31 -13.67
CA LYS A 216 -17.68 -3.46 -13.17
C LYS A 216 -17.71 -4.46 -12.01
N PRO A 217 -18.43 -4.15 -10.91
CA PRO A 217 -18.44 -5.06 -9.75
C PRO A 217 -18.70 -6.51 -10.14
N GLY A 218 -17.81 -7.40 -9.72
CA GLY A 218 -17.95 -8.82 -10.02
C GLY A 218 -17.19 -9.34 -11.23
N ASN A 219 -16.69 -8.45 -12.08
CA ASN A 219 -15.93 -8.85 -13.27
C ASN A 219 -14.56 -9.48 -12.95
N VAL A 220 -13.95 -9.01 -11.87
CA VAL A 220 -12.67 -9.54 -11.40
C VAL A 220 -12.96 -10.73 -10.48
N LYS A 221 -12.45 -11.90 -10.85
CA LYS A 221 -12.75 -13.16 -10.15
C LYS A 221 -11.67 -13.58 -9.15
N LEU A 222 -11.83 -13.15 -7.90
CA LEU A 222 -10.86 -13.50 -6.86
C LEU A 222 -11.10 -14.91 -6.33
N ARG A 223 -10.01 -15.58 -5.96
CA ARG A 223 -10.06 -16.92 -5.39
C ARG A 223 -9.26 -16.93 -4.08
N PRO A 224 -9.84 -16.36 -3.00
CA PRO A 224 -9.12 -16.28 -1.72
C PRO A 224 -8.66 -17.63 -1.17
N ASP A 225 -9.27 -18.73 -1.61
CA ASP A 225 -8.86 -20.09 -1.19
C ASP A 225 -7.39 -20.39 -1.48
N ILE A 226 -6.83 -19.77 -2.51
CA ILE A 226 -5.42 -19.89 -2.85
CA ILE A 226 -5.42 -19.92 -2.83
C ILE A 226 -4.56 -19.54 -1.62
N LEU A 227 -4.98 -18.50 -0.89
CA LEU A 227 -4.28 -18.07 0.33
C LEU A 227 -4.36 -19.10 1.46
N ALA A 228 -5.56 -19.64 1.70
CA ALA A 228 -5.76 -20.68 2.72
C ALA A 228 -4.88 -21.89 2.46
N GLN A 229 -4.77 -22.28 1.19
CA GLN A 229 -3.94 -23.42 0.80
C GLN A 229 -2.45 -23.12 0.93
N GLY A 230 -2.05 -21.89 0.60
CA GLY A 230 -0.68 -21.45 0.79
C GLY A 230 -0.24 -21.52 2.25
N GLN A 231 -1.14 -21.13 3.15
CA GLN A 231 -0.90 -21.25 4.59
C GLN A 231 -0.73 -22.70 5.03
N GLN A 232 -1.57 -23.58 4.49
N GLN A 232 -1.56 -23.59 4.49
CA GLN A 232 -1.52 -25.02 4.78
CA GLN A 232 -1.50 -25.03 4.81
C GLN A 232 -0.22 -25.63 4.26
C GLN A 232 -0.28 -25.72 4.22
N VAL A 233 0.16 -25.25 3.05
CA VAL A 233 1.41 -25.70 2.42
C VAL A 233 2.60 -25.33 3.31
N ALA A 234 2.62 -24.09 3.78
CA ALA A 234 3.72 -23.59 4.60
C ALA A 234 3.76 -24.21 5.99
N ALA A 235 2.59 -24.41 6.60
CA ALA A 235 2.49 -25.01 7.93
C ALA A 235 3.02 -26.45 7.91
N ALA A 236 2.76 -27.14 6.80
CA ALA A 236 3.28 -28.50 6.58
C ALA A 236 4.80 -28.52 6.48
N LYS A 237 5.36 -27.64 5.66
CA LYS A 237 6.82 -27.51 5.53
C LYS A 237 7.49 -27.23 6.88
N LEU A 238 6.82 -26.40 7.69
CA LEU A 238 7.37 -25.92 8.96
C LEU A 238 7.06 -26.83 10.16
N GLY A 239 6.24 -27.86 9.95
CA GLY A 239 5.84 -28.78 11.01
C GLY A 239 4.95 -28.14 12.06
N LEU A 240 4.09 -27.23 11.60
CA LEU A 240 3.14 -26.54 12.44
C LEU A 240 1.77 -27.21 12.30
N PRO A 241 0.85 -26.94 13.26
CA PRO A 241 -0.54 -27.40 13.10
C PRO A 241 -1.15 -26.90 11.80
N ALA A 242 -2.11 -27.67 11.27
CA ALA A 242 -2.69 -27.42 9.96
C ALA A 242 -3.44 -26.08 9.85
N ASP A 243 -3.74 -25.47 10.99
CA ASP A 243 -4.44 -24.20 11.02
C ASP A 243 -3.51 -23.00 11.28
N ALA A 244 -2.20 -23.26 11.24
CA ALA A 244 -1.21 -22.19 11.37
C ALA A 244 -1.21 -21.28 10.13
N LYS A 245 -0.85 -20.01 10.35
N LYS A 245 -0.83 -20.02 10.34
CA LYS A 245 -0.77 -19.01 9.29
CA LYS A 245 -0.78 -19.05 9.26
C LYS A 245 0.63 -18.39 9.24
C LYS A 245 0.60 -18.38 9.22
N PRO A 246 1.60 -19.09 8.66
CA PRO A 246 2.99 -18.58 8.67
C PRO A 246 3.23 -17.33 7.81
N PHE A 247 2.39 -17.11 6.80
CA PHE A 247 2.52 -15.94 5.92
C PHE A 247 1.71 -14.74 6.39
N ASP A 248 2.29 -13.55 6.25
CA ASP A 248 1.55 -12.29 6.32
C ASP A 248 1.26 -11.88 4.87
N PHE A 249 0.00 -11.94 4.49
CA PHE A 249 -0.38 -11.71 3.08
C PHE A 249 -0.69 -10.26 2.77
N VAL A 250 -0.42 -9.89 1.52
CA VAL A 250 -0.78 -8.55 1.01
C VAL A 250 -1.75 -8.70 -0.16
N PHE A 251 -2.89 -8.02 -0.04
CA PHE A 251 -4.02 -8.03 -0.99
C PHE A 251 -3.85 -6.82 -1.96
N HIS A 252 -3.33 -7.10 -3.15
CA HIS A 252 -3.19 -6.07 -4.21
C HIS A 252 -4.49 -5.90 -4.99
N GLY A 253 -4.62 -4.77 -5.68
CA GLY A 253 -5.81 -4.50 -6.46
C GLY A 253 -7.07 -4.39 -5.62
N GLY A 254 -6.93 -3.86 -4.40
CA GLY A 254 -8.05 -3.75 -3.46
C GLY A 254 -9.29 -3.00 -3.94
N SER A 255 -9.07 -1.93 -4.70
CA SER A 255 -10.21 -1.12 -5.16
C SER A 255 -11.19 -1.95 -5.97
N GLY A 256 -12.48 -1.71 -5.79
CA GLY A 256 -13.51 -2.36 -6.59
C GLY A 256 -13.85 -3.78 -6.16
N SER A 257 -13.15 -4.27 -5.15
CA SER A 257 -13.40 -5.62 -4.62
C SER A 257 -14.75 -5.71 -3.92
N LEU A 258 -15.35 -6.90 -3.98
CA LEU A 258 -16.56 -7.16 -3.23
C LEU A 258 -16.21 -7.23 -1.76
N LYS A 259 -17.10 -6.72 -0.92
CA LYS A 259 -16.96 -6.78 0.54
C LYS A 259 -16.79 -8.21 1.04
N SER A 260 -17.53 -9.15 0.45
CA SER A 260 -17.41 -10.57 0.80
C SER A 260 -16.02 -11.14 0.48
N GLU A 261 -15.40 -10.65 -0.60
CA GLU A 261 -14.05 -11.09 -0.98
C GLU A 261 -13.00 -10.58 0.03
N ILE A 262 -13.17 -9.34 0.49
CA ILE A 262 -12.29 -8.78 1.52
C ILE A 262 -12.43 -9.57 2.82
N GLU A 263 -13.68 -9.80 3.25
CA GLU A 263 -13.96 -10.58 4.46
C GLU A 263 -13.31 -11.96 4.43
N GLU A 264 -13.44 -12.67 3.31
CA GLU A 264 -12.81 -13.99 3.20
C GLU A 264 -11.29 -13.93 3.29
N ALA A 265 -10.67 -13.01 2.56
CA ALA A 265 -9.22 -12.86 2.55
C ALA A 265 -8.67 -12.59 3.94
N LEU A 266 -9.40 -11.81 4.74
CA LEU A 266 -9.00 -11.53 6.12
C LEU A 266 -8.87 -12.81 6.97
N ARG A 267 -9.68 -13.81 6.64
CA ARG A 267 -9.66 -15.06 7.43
CA ARG A 267 -9.69 -15.10 7.36
C ARG A 267 -8.39 -15.87 7.18
N TYR A 268 -7.70 -15.62 6.07
CA TYR A 268 -6.51 -16.40 5.68
C TYR A 268 -5.17 -15.70 5.89
N GLY A 269 -5.17 -14.60 6.64
CA GLY A 269 -3.94 -13.94 7.05
C GLY A 269 -3.49 -12.73 6.24
N VAL A 270 -4.41 -12.11 5.50
CA VAL A 270 -4.13 -10.81 4.88
C VAL A 270 -4.01 -9.76 5.97
N VAL A 271 -2.89 -9.04 6.00
CA VAL A 271 -2.66 -8.00 7.00
C VAL A 271 -2.52 -6.59 6.38
N LYS A 272 -2.52 -6.55 5.04
CA LYS A 272 -2.31 -5.29 4.29
C LYS A 272 -3.13 -5.39 3.00
N MET A 273 -4.01 -4.41 2.75
CA MET A 273 -4.68 -4.33 1.46
C MET A 273 -4.38 -2.99 0.78
N ASN A 274 -3.87 -3.07 -0.44
CA ASN A 274 -3.47 -1.89 -1.20
C ASN A 274 -4.70 -1.29 -1.86
N VAL A 275 -4.88 0.02 -1.74
N VAL A 275 -4.84 0.03 -1.74
CA VAL A 275 -5.96 0.71 -2.47
CA VAL A 275 -5.93 0.79 -2.37
C VAL A 275 -5.46 2.02 -3.06
C VAL A 275 -5.32 1.99 -3.09
N ASP A 276 -5.65 2.14 -4.37
CA ASP A 276 -5.16 3.30 -5.15
C ASP A 276 -6.30 3.83 -6.00
N THR A 277 -6.80 2.99 -6.92
CA THR A 277 -7.80 3.45 -7.89
C THR A 277 -9.05 4.10 -7.25
N ASP A 278 -9.59 3.47 -6.18
CA ASP A 278 -10.78 4.00 -5.52
C ASP A 278 -10.53 5.32 -4.81
N THR A 279 -9.36 5.48 -4.20
CA THR A 279 -9.03 6.76 -3.59
C THR A 279 -8.72 7.84 -4.64
N GLN A 280 -8.22 7.43 -5.81
CA GLN A 280 -8.07 8.38 -6.93
C GLN A 280 -9.43 8.90 -7.37
N TYR A 281 -10.40 8.00 -7.54
CA TYR A 281 -11.75 8.46 -7.90
C TYR A 281 -12.36 9.39 -6.82
N ALA A 282 -12.19 9.01 -5.56
CA ALA A 282 -12.70 9.83 -4.46
C ALA A 282 -12.08 11.22 -4.43
N PHE A 283 -10.79 11.31 -4.75
CA PHE A 283 -10.09 12.59 -4.73
C PHE A 283 -10.58 13.47 -5.89
N THR A 284 -10.67 12.87 -7.07
CA THR A 284 -11.02 13.63 -8.29
C THR A 284 -12.50 14.02 -8.36
N ARG A 285 -13.37 13.17 -7.84
CA ARG A 285 -14.81 13.36 -8.04
C ARG A 285 -15.32 14.78 -7.65
N PRO A 286 -14.97 15.30 -6.44
CA PRO A 286 -15.43 16.67 -6.12
C PRO A 286 -14.70 17.77 -6.89
N ILE A 287 -13.52 17.47 -7.42
CA ILE A 287 -12.84 18.45 -8.28
C ILE A 287 -13.66 18.61 -9.55
N ALA A 288 -14.05 17.48 -10.15
CA ALA A 288 -14.91 17.54 -11.34
C ALA A 288 -16.15 18.37 -11.05
N GLY A 289 -16.87 18.04 -9.97
CA GLY A 289 -18.08 18.76 -9.60
C GLY A 289 -17.85 20.26 -9.43
N HIS A 290 -16.72 20.61 -8.79
CA HIS A 290 -16.33 21.99 -8.59
C HIS A 290 -16.20 22.76 -9.91
N MET A 291 -15.50 22.16 -10.87
CA MET A 291 -15.26 22.84 -12.14
C MET A 291 -16.57 23.06 -12.90
N PHE A 292 -17.45 22.05 -12.87
CA PHE A 292 -18.71 22.19 -13.57
CA PHE A 292 -18.74 22.17 -13.55
C PHE A 292 -19.61 23.25 -12.93
N THR A 293 -19.82 23.15 -11.62
N THR A 293 -19.81 23.12 -11.62
CA THR A 293 -20.75 24.09 -10.97
CA THR A 293 -20.67 24.02 -10.87
C THR A 293 -20.20 25.51 -10.89
C THR A 293 -20.19 25.47 -11.04
N ASN A 294 -18.88 25.65 -11.01
CA ASN A 294 -18.24 26.96 -10.99
C ASN A 294 -17.60 27.30 -12.33
N TYR A 295 -18.15 26.77 -13.42
CA TYR A 295 -17.53 26.89 -14.75
C TYR A 295 -17.19 28.33 -15.14
N ASP A 296 -18.05 29.28 -14.74
CA ASP A 296 -17.87 30.69 -15.12
C ASP A 296 -17.00 31.46 -14.13
N GLY A 297 -16.50 30.75 -13.12
CA GLY A 297 -15.54 31.30 -12.15
C GLY A 297 -14.15 30.75 -12.39
N VAL A 298 -14.06 29.46 -12.74
CA VAL A 298 -12.77 28.85 -13.07
C VAL A 298 -12.26 29.15 -14.49
N LEU A 299 -13.17 29.62 -15.36
CA LEU A 299 -12.82 30.09 -16.71
C LEU A 299 -13.12 31.57 -16.82
N LYS A 300 -12.27 32.27 -17.57
CA LYS A 300 -12.48 33.70 -17.87
C LYS A 300 -13.36 33.71 -19.12
N VAL A 301 -14.65 33.97 -18.92
CA VAL A 301 -15.64 33.84 -20.01
CA VAL A 301 -15.65 33.84 -19.99
C VAL A 301 -16.28 35.18 -20.38
N ASP A 302 -16.54 35.35 -21.67
CA ASP A 302 -17.28 36.51 -22.19
C ASP A 302 -16.67 37.82 -21.71
N GLY A 303 -15.35 37.83 -21.63
CA GLY A 303 -14.60 39.06 -21.31
C GLY A 303 -14.46 39.34 -19.83
N GLU A 304 -15.01 38.46 -18.99
CA GLU A 304 -14.89 38.58 -17.53
C GLU A 304 -13.54 37.97 -17.10
N VAL A 305 -13.17 38.19 -15.83
CA VAL A 305 -11.86 37.79 -15.34
C VAL A 305 -11.90 36.60 -14.38
N GLY A 306 -12.99 35.85 -14.38
CA GLY A 306 -13.09 34.71 -13.46
C GLY A 306 -13.33 35.14 -12.02
N VAL A 307 -13.33 34.16 -11.12
CA VAL A 307 -13.60 34.39 -9.71
C VAL A 307 -12.54 33.67 -8.88
N LYS A 308 -11.63 34.46 -8.29
CA LYS A 308 -10.51 33.88 -7.55
C LYS A 308 -10.93 32.89 -6.48
N LYS A 309 -12.03 33.17 -5.79
N LYS A 309 -12.03 33.14 -5.77
CA LYS A 309 -12.51 32.34 -4.70
CA LYS A 309 -12.41 32.26 -4.66
C LYS A 309 -12.65 30.88 -5.13
C LYS A 309 -12.82 30.86 -5.10
N VAL A 310 -13.02 30.68 -6.40
CA VAL A 310 -13.18 29.33 -6.94
C VAL A 310 -12.06 28.82 -7.84
N TYR A 311 -11.18 29.71 -8.34
CA TYR A 311 -9.99 29.18 -9.04
C TYR A 311 -8.74 29.03 -8.15
N ASP A 312 -8.84 29.53 -6.93
CA ASP A 312 -7.84 29.24 -5.90
C ASP A 312 -7.77 27.70 -5.74
N PRO A 313 -6.61 27.07 -6.00
CA PRO A 313 -6.56 25.60 -5.93
C PRO A 313 -7.04 25.01 -4.59
N ARG A 314 -6.86 25.74 -3.49
CA ARG A 314 -7.34 25.26 -2.19
C ARG A 314 -8.85 25.03 -2.15
N SER A 315 -9.62 25.80 -2.93
CA SER A 315 -11.08 25.70 -2.87
C SER A 315 -11.59 24.30 -3.25
N TYR A 316 -11.06 23.74 -4.32
CA TYR A 316 -11.45 22.37 -4.74
C TYR A 316 -10.56 21.29 -4.14
N LEU A 317 -9.30 21.61 -3.86
CA LEU A 317 -8.43 20.57 -3.27
C LEU A 317 -8.79 20.23 -1.83
N LYS A 318 -9.35 21.18 -1.07
CA LYS A 318 -9.89 20.81 0.25
C LYS A 318 -11.03 19.80 0.12
N LYS A 319 -11.88 20.00 -0.89
CA LYS A 319 -12.99 19.06 -1.16
C LYS A 319 -12.45 17.68 -1.56
N ALA A 320 -11.44 17.69 -2.42
CA ALA A 320 -10.74 16.45 -2.84
C ALA A 320 -10.19 15.70 -1.63
N GLU A 321 -9.47 16.43 -0.78
N GLU A 321 -9.47 16.42 -0.77
CA GLU A 321 -8.90 15.84 0.43
CA GLU A 321 -8.90 15.80 0.42
C GLU A 321 -9.98 15.16 1.27
C GLU A 321 -9.97 15.16 1.33
N ALA A 322 -11.03 15.91 1.62
CA ALA A 322 -12.09 15.39 2.50
C ALA A 322 -12.77 14.15 1.89
N SER A 323 -12.95 14.16 0.58
CA SER A 323 -13.60 13.02 -0.09
C SER A 323 -12.70 11.79 -0.09
N MET A 324 -11.41 11.99 -0.37
CA MET A 324 -10.46 10.87 -0.30
C MET A 324 -10.37 10.33 1.14
N SER A 325 -10.39 11.22 2.14
CA SER A 325 -10.34 10.78 3.54
C SER A 325 -11.56 9.88 3.87
N GLN A 326 -12.74 10.26 3.37
CA GLN A 326 -13.94 9.43 3.57
C GLN A 326 -13.76 8.03 3.02
N ARG A 327 -13.14 7.92 1.83
CA ARG A 327 -12.91 6.62 1.23
C ARG A 327 -11.89 5.82 2.03
N VAL A 328 -10.92 6.49 2.62
CA VAL A 328 -9.96 5.80 3.47
C VAL A 328 -10.66 5.30 4.75
N VAL A 329 -11.56 6.10 5.31
CA VAL A 329 -12.35 5.64 6.46
C VAL A 329 -13.10 4.36 6.08
N GLN A 330 -13.72 4.36 4.90
CA GLN A 330 -14.41 3.16 4.43
C GLN A 330 -13.47 1.95 4.37
N ALA A 331 -12.26 2.13 3.85
CA ALA A 331 -11.25 1.04 3.81
C ALA A 331 -10.94 0.50 5.22
N CYS A 332 -10.81 1.41 6.20
CA CYS A 332 -10.51 1.00 7.58
C CYS A 332 -11.67 0.18 8.16
N ASN A 333 -12.90 0.54 7.81
N ASN A 333 -12.90 0.57 7.83
CA ASN A 333 -14.06 -0.23 8.27
CA ASN A 333 -14.08 -0.20 8.22
C ASN A 333 -14.25 -1.55 7.51
C ASN A 333 -14.07 -1.57 7.56
N ASP A 334 -13.84 -1.58 6.24
CA ASP A 334 -13.87 -2.81 5.43
C ASP A 334 -12.84 -3.83 5.90
N LEU A 335 -11.71 -3.31 6.38
CA LEU A 335 -10.58 -4.14 6.80
C LEU A 335 -10.56 -4.41 8.31
N HIS A 336 -11.50 -3.82 9.04
CA HIS A 336 -11.68 -4.03 10.48
C HIS A 336 -10.56 -3.54 11.36
N CYS A 337 -9.81 -2.55 10.86
CA CYS A 337 -8.77 -1.90 11.65
C CYS A 337 -9.28 -0.60 12.29
N ALA A 338 -10.47 -0.16 11.88
CA ALA A 338 -11.05 1.05 12.44
C ALA A 338 -11.27 0.86 13.94
N GLY A 339 -10.92 1.88 14.72
CA GLY A 339 -11.02 1.86 16.18
C GLY A 339 -9.96 1.03 16.90
N LYS A 340 -8.93 0.61 16.17
CA LYS A 340 -7.93 -0.29 16.75
C LYS A 340 -6.50 0.28 16.80
N SER A 341 -6.32 1.58 16.55
CA SER A 341 -4.99 2.18 16.58
C SER A 341 -4.24 1.80 17.85
N LEU A 342 -2.97 1.44 17.69
CA LEU A 342 -2.15 1.01 18.83
C LEU A 342 -1.72 2.15 19.76
N THR A 343 -2.09 3.38 19.43
CA THR A 343 -1.87 4.48 20.36
C THR A 343 -2.97 4.52 21.42
N HIS A 344 -4.10 3.85 21.16
N HIS A 344 -4.11 3.88 21.14
CA HIS A 344 -5.30 3.91 22.01
CA HIS A 344 -5.25 3.76 22.07
C HIS A 344 -5.55 5.30 22.55
C HIS A 344 -5.81 5.10 22.54
N HIS A 345 -5.58 6.26 21.62
N HIS A 345 -5.43 6.16 21.83
CA HIS A 345 -5.95 7.62 21.97
CA HIS A 345 -5.94 7.48 22.18
C HIS A 345 -7.46 7.70 22.09
C HIS A 345 -7.45 7.42 22.33
N HIS A 346 -8.14 6.83 21.36
CA HIS A 346 -9.63 6.68 21.40
C HIS A 346 -10.39 8.00 21.63
#